data_4ZRD
#
_entry.id   4ZRD
#
_cell.length_a   77.310
_cell.length_b   77.310
_cell.length_c   61.060
_cell.angle_alpha   90.000
_cell.angle_beta   90.000
_cell.angle_gamma   90.000
#
_symmetry.space_group_name_H-M   'P 43'
#
loop_
_entity.id
_entity.type
_entity.pdbx_description
1 polymer 'LIP1, secretory lipase (Family 3)'
2 branched alpha-D-mannopyranose-(1-6)-beta-D-mannopyranose-(1-4)-2-acetamido-2-deoxy-beta-D-glucopyranose-(1-4)-2-acetamido-2-deoxy-beta-D-glucopyranose
3 non-polymer alpha-D-mannopyranose
4 non-polymer GLYCEROL
5 water water
#
_entity_poly.entity_id   1
_entity_poly.type   'polypeptide(L)'
_entity_poly.pdbx_seq_one_letter_code
;SSIYARGRGGSSTDQPVANPYNTKEISLAAGLVQQTYCDSTENGLKIGDSELLYTMGEGYARQRVNIYHSPSLGIAVAIE
GTNLFSLNSDLHDAKFWQEDPNERYIQYYPKGTKLMHGFQQAYNDLMDDIFTAVKKYKKEKNEKRVTVIGHSLGAAMGLL
CAMDIELRMDGGLYKTYLFGLPRLGNPTFASFVDQKIGDKFHSIINGRDWVPTVPPRALGYQHPSDYVWIYPGNSTSAKL
YPGQENVHGILTVAREFNNDDHQGIYFHTQIGAVMGECPAQVGAH
;
_entity_poly.pdbx_strand_id   A
#
loop_
_chem_comp.id
_chem_comp.type
_chem_comp.name
_chem_comp.formula
BMA D-saccharide, beta linking beta-D-mannopyranose 'C6 H12 O6'
GOL non-polymer GLYCEROL 'C3 H8 O3'
MAN D-saccharide, alpha linking alpha-D-mannopyranose 'C6 H12 O6'
NAG D-saccharide, beta linking 2-acetamido-2-deoxy-beta-D-glucopyranose 'C8 H15 N O6'
#
# COMPACT_ATOMS: atom_id res chain seq x y z
N ARG A 8 -0.70 -20.23 10.84
CA ARG A 8 0.37 -19.26 10.43
C ARG A 8 1.28 -19.89 9.36
N GLY A 9 1.67 -19.09 8.37
CA GLY A 9 2.66 -19.50 7.35
C GLY A 9 2.13 -20.46 6.29
N GLY A 10 0.82 -20.68 6.27
CA GLY A 10 0.22 -21.58 5.34
C GLY A 10 0.01 -20.92 4.00
N SER A 11 -0.59 -21.67 3.10
CA SER A 11 -1.04 -21.17 1.83
C SER A 11 -2.49 -21.58 1.70
N SER A 12 -3.37 -20.60 1.48
CA SER A 12 -4.80 -20.86 1.34
C SER A 12 -5.01 -21.59 0.04
N THR A 13 -5.81 -22.65 0.08
CA THR A 13 -6.12 -23.42 -1.12
C THR A 13 -7.55 -23.16 -1.57
N ASP A 14 -8.30 -22.27 -0.93
CA ASP A 14 -9.71 -22.09 -1.36
C ASP A 14 -9.86 -21.24 -2.64
N GLN A 15 -10.96 -21.52 -3.33
CA GLN A 15 -11.23 -21.03 -4.65
C GLN A 15 -11.36 -19.51 -4.66
N PRO A 16 -11.02 -18.89 -5.80
CA PRO A 16 -11.31 -17.47 -5.98
C PRO A 16 -12.80 -17.18 -5.99
N VAL A 17 -13.17 -15.95 -5.65
CA VAL A 17 -14.56 -15.49 -5.65
C VAL A 17 -14.60 -14.16 -6.37
N ALA A 18 -15.79 -13.69 -6.72
CA ALA A 18 -15.94 -12.40 -7.41
C ALA A 18 -15.32 -11.29 -6.58
N ASN A 19 -14.86 -10.25 -7.27
CA ASN A 19 -14.29 -9.08 -6.60
C ASN A 19 -15.41 -8.33 -5.86
N PRO A 20 -15.35 -8.30 -4.49
CA PRO A 20 -16.37 -7.59 -3.71
C PRO A 20 -16.03 -6.12 -3.36
N TYR A 21 -14.87 -5.61 -3.80
CA TYR A 21 -14.45 -4.24 -3.42
C TYR A 21 -15.15 -3.15 -4.23
N ASN A 22 -15.10 -1.94 -3.68
CA ASN A 22 -15.71 -0.80 -4.31
C ASN A 22 -14.72 -0.29 -5.33
N THR A 23 -14.98 -0.61 -6.60
CA THR A 23 -14.08 -0.28 -7.70
C THR A 23 -13.97 1.23 -7.90
N LYS A 24 -14.97 2.00 -7.47
CA LYS A 24 -14.89 3.46 -7.53
C LYS A 24 -13.90 3.98 -6.49
N GLU A 25 -13.93 3.43 -5.29
CA GLU A 25 -12.90 3.74 -4.30
C GLU A 25 -11.51 3.32 -4.72
N ILE A 26 -11.37 2.16 -5.35
CA ILE A 26 -10.03 1.71 -5.79
C ILE A 26 -9.49 2.66 -6.85
N SER A 27 -10.34 3.00 -7.84
CA SER A 27 -10.00 3.99 -8.88
C SER A 27 -9.58 5.32 -8.30
N LEU A 28 -10.33 5.80 -7.32
CA LEU A 28 -9.95 7.03 -6.63
C LEU A 28 -8.59 6.87 -5.94
N ALA A 29 -8.48 5.89 -5.05
CA ALA A 29 -7.22 5.63 -4.33
C ALA A 29 -6.00 5.57 -5.24
N ALA A 30 -6.16 4.92 -6.39
CA ALA A 30 -5.10 4.83 -7.40
C ALA A 30 -4.63 6.22 -7.86
N GLY A 31 -5.59 7.12 -8.08
CA GLY A 31 -5.27 8.49 -8.42
C GLY A 31 -4.47 9.20 -7.35
N LEU A 32 -4.90 9.02 -6.11
CA LEU A 32 -4.31 9.70 -4.96
C LEU A 32 -2.85 9.33 -4.76
N VAL A 33 -2.52 8.07 -5.06
CA VAL A 33 -1.15 7.61 -4.98
C VAL A 33 -0.31 7.94 -6.23
N GLN A 34 -0.91 7.90 -7.42
CA GLN A 34 -0.21 8.36 -8.61
C GLN A 34 0.29 9.79 -8.41
N GLN A 35 -0.52 10.62 -7.77
CA GLN A 35 -0.18 12.03 -7.57
C GLN A 35 1.06 12.25 -6.68
N THR A 36 1.40 11.25 -5.85
CA THR A 36 2.59 11.32 -5.02
C THR A 36 3.88 11.19 -5.84
N TYR A 37 3.77 10.76 -7.10
CA TYR A 37 4.89 10.78 -8.05
C TYR A 37 5.09 12.14 -8.74
N CYS A 38 4.32 13.15 -8.36
CA CYS A 38 4.34 14.50 -8.96
C CYS A 38 4.53 15.54 -7.87
N ASP A 39 5.11 16.71 -8.21
CA ASP A 39 5.13 17.84 -7.25
C ASP A 39 3.68 18.14 -6.77
N SER A 40 3.51 18.31 -5.46
CA SER A 40 2.19 18.36 -4.84
C SER A 40 2.01 19.54 -3.84
N THR A 41 2.65 20.67 -4.14
CA THR A 41 2.51 21.90 -3.35
C THR A 41 1.57 22.93 -4.01
N GLU A 42 1.02 22.64 -5.21
CA GLU A 42 -0.02 23.53 -5.84
C GLU A 42 -1.34 23.48 -5.04
N ASN A 43 -1.84 24.67 -4.73
CA ASN A 43 -2.84 24.80 -3.69
C ASN A 43 -4.23 24.49 -4.22
N GLY A 44 -4.98 23.69 -3.46
CA GLY A 44 -6.36 23.33 -3.82
C GLY A 44 -6.53 22.28 -4.91
N LEU A 45 -5.49 21.54 -5.24
CA LEU A 45 -5.53 20.56 -6.32
C LEU A 45 -6.56 19.50 -6.02
N LYS A 46 -7.31 19.09 -7.05
CA LYS A 46 -8.42 18.17 -6.89
C LYS A 46 -8.15 16.90 -7.69
N ILE A 47 -8.24 15.76 -7.02
CA ILE A 47 -8.04 14.45 -7.61
C ILE A 47 -9.28 13.61 -7.27
N GLY A 48 -10.11 13.34 -8.29
CA GLY A 48 -11.41 12.71 -8.08
C GLY A 48 -12.24 13.58 -7.14
N ASP A 49 -12.83 12.95 -6.12
CA ASP A 49 -13.60 13.68 -5.09
C ASP A 49 -12.73 14.49 -4.08
N SER A 50 -11.41 14.35 -4.14
CA SER A 50 -10.52 14.75 -3.05
C SER A 50 -9.72 16.04 -3.31
N GLU A 51 -9.46 16.77 -2.23
CA GLU A 51 -8.63 17.98 -2.24
C GLU A 51 -7.26 17.64 -1.61
N LEU A 52 -6.18 18.00 -2.29
CA LEU A 52 -4.82 17.86 -1.75
C LEU A 52 -4.58 18.93 -0.70
N LEU A 53 -4.28 18.52 0.53
CA LEU A 53 -4.11 19.46 1.63
C LEU A 53 -2.66 19.76 2.00
N TYR A 54 -1.76 18.82 1.78
CA TYR A 54 -0.43 18.89 2.36
C TYR A 54 0.45 17.83 1.71
N THR A 55 1.74 18.13 1.60
CA THR A 55 2.73 17.22 1.07
C THR A 55 4.06 17.32 1.85
N MET A 56 4.72 16.18 2.02
CA MET A 56 6.14 16.18 2.42
C MET A 56 6.90 15.07 1.73
N GLY A 57 8.23 15.18 1.80
CA GLY A 57 9.12 14.32 1.07
C GLY A 57 9.17 14.67 -0.41
N GLU A 58 9.97 13.95 -1.15
CA GLU A 58 10.20 14.25 -2.56
C GLU A 58 10.58 13.06 -3.46
N GLY A 59 10.56 11.83 -2.97
CA GLY A 59 11.01 10.68 -3.76
C GLY A 59 12.49 10.64 -4.13
N TYR A 60 13.36 11.18 -3.28
CA TYR A 60 14.83 11.10 -3.41
C TYR A 60 15.45 10.54 -2.13
N ALA A 61 15.22 11.23 -1.01
CA ALA A 61 15.66 10.81 0.32
C ALA A 61 14.57 10.06 1.02
N ARG A 62 13.35 10.59 0.92
CA ARG A 62 12.16 9.95 1.45
C ARG A 62 11.06 9.96 0.42
N GLN A 63 10.14 9.00 0.53
CA GLN A 63 9.00 8.92 -0.36
C GLN A 63 8.12 10.16 -0.17
N ARG A 64 7.58 10.71 -1.28
CA ARG A 64 6.57 11.75 -1.16
C ARG A 64 5.30 11.18 -0.50
N VAL A 65 4.79 11.89 0.51
CA VAL A 65 3.51 11.56 1.16
C VAL A 65 2.56 12.75 0.97
N ASN A 66 1.38 12.49 0.42
CA ASN A 66 0.32 13.48 0.27
C ASN A 66 -0.82 13.21 1.25
N ILE A 67 -1.36 14.29 1.81
CA ILE A 67 -2.55 14.24 2.66
C ILE A 67 -3.69 14.91 1.90
N TYR A 68 -4.81 14.20 1.77
CA TYR A 68 -5.98 14.72 1.07
C TYR A 68 -7.18 14.70 2.00
N HIS A 69 -8.20 15.47 1.62
CA HIS A 69 -9.54 15.25 2.16
C HIS A 69 -10.51 14.77 1.07
N SER A 70 -11.13 13.61 1.34
CA SER A 70 -12.09 12.95 0.48
C SER A 70 -13.45 12.77 1.21
N PRO A 71 -14.59 13.06 0.54
CA PRO A 71 -15.88 12.70 1.17
C PRO A 71 -16.08 11.18 1.34
N SER A 72 -15.61 10.38 0.39
CA SER A 72 -15.70 8.94 0.50
C SER A 72 -14.65 8.36 1.45
N LEU A 73 -13.40 8.77 1.30
CA LEU A 73 -12.30 8.15 2.06
C LEU A 73 -11.83 8.87 3.34
N GLY A 74 -12.35 10.07 3.61
CA GLY A 74 -11.92 10.86 4.77
C GLY A 74 -10.54 11.49 4.57
N ILE A 75 -9.73 11.54 5.64
CA ILE A 75 -8.32 12.00 5.53
C ILE A 75 -7.50 10.87 4.92
N ALA A 76 -7.07 11.05 3.67
CA ALA A 76 -6.36 10.04 2.93
C ALA A 76 -4.86 10.35 3.02
N VAL A 77 -4.06 9.36 3.41
CA VAL A 77 -2.60 9.46 3.39
C VAL A 77 -2.09 8.60 2.25
N ALA A 78 -1.42 9.19 1.27
CA ALA A 78 -0.89 8.45 0.11
C ALA A 78 0.63 8.47 0.11
N ILE A 79 1.25 7.31 -0.08
CA ILE A 79 2.71 7.14 0.05
C ILE A 79 3.29 6.67 -1.29
N GLU A 80 4.18 7.49 -1.83
CA GLU A 80 4.91 7.17 -3.05
C GLU A 80 5.75 5.91 -2.89
N GLY A 81 6.01 5.23 -3.99
CA GLY A 81 6.86 4.06 -3.99
C GLY A 81 7.96 4.05 -5.01
N THR A 82 8.65 5.17 -5.19
CA THR A 82 9.71 5.19 -6.17
C THR A 82 10.92 4.43 -5.64
N ASN A 83 11.88 4.18 -6.53
CA ASN A 83 12.96 3.21 -6.26
C ASN A 83 14.12 3.79 -5.44
N LEU A 84 13.83 4.19 -4.20
CA LEU A 84 14.88 4.67 -3.29
C LEU A 84 15.87 3.54 -3.08
N PHE A 85 15.38 2.31 -2.98
CA PHE A 85 16.22 1.11 -3.17
C PHE A 85 15.48 0.22 -4.17
N SER A 86 16.17 -0.72 -4.78
CA SER A 86 15.52 -1.58 -5.76
C SER A 86 15.19 -2.95 -5.15
N LEU A 87 14.04 -3.49 -5.52
CA LEU A 87 13.56 -4.75 -4.97
C LEU A 87 14.03 -6.01 -5.70
N ASN A 88 14.68 -5.85 -6.86
CA ASN A 88 15.24 -7.00 -7.59
C ASN A 88 16.77 -7.13 -7.48
N SER A 89 17.37 -6.36 -6.57
CA SER A 89 18.82 -6.36 -6.35
C SER A 89 19.17 -7.50 -5.39
N ASP A 90 20.44 -7.57 -4.99
CA ASP A 90 20.98 -8.67 -4.17
C ASP A 90 20.27 -8.78 -2.82
N LEU A 91 19.54 -9.88 -2.65
CA LEU A 91 18.77 -10.13 -1.43
C LEU A 91 19.63 -10.37 -0.15
N HIS A 92 20.93 -10.55 -0.30
CA HIS A 92 21.83 -10.54 0.86
C HIS A 92 21.91 -9.18 1.54
N ASP A 93 21.50 -8.10 0.86
CA ASP A 93 21.63 -6.77 1.42
C ASP A 93 20.79 -6.51 2.68
N ALA A 94 21.38 -5.75 3.61
CA ALA A 94 20.71 -5.33 4.84
C ALA A 94 19.28 -4.75 4.72
N LYS A 95 18.94 -4.14 3.58
CA LYS A 95 17.58 -3.68 3.29
C LYS A 95 16.52 -4.77 3.41
N PHE A 96 16.90 -6.01 3.11
CA PHE A 96 15.98 -7.16 3.11
C PHE A 96 15.96 -8.00 4.41
N TRP A 97 16.76 -7.62 5.41
CA TRP A 97 16.82 -8.36 6.67
C TRP A 97 15.54 -8.13 7.45
N GLN A 98 15.12 -9.14 8.20
CA GLN A 98 13.99 -8.99 9.15
C GLN A 98 14.49 -8.39 10.45
N GLU A 99 13.69 -7.54 11.06
CA GLU A 99 14.05 -6.96 12.33
C GLU A 99 12.81 -6.84 13.15
N ASP A 100 13.02 -6.59 14.44
CA ASP A 100 11.95 -6.30 15.37
C ASP A 100 11.24 -5.02 14.98
N PRO A 101 9.99 -4.88 15.44
CA PRO A 101 9.33 -3.60 15.37
C PRO A 101 10.09 -2.52 16.10
N ASN A 102 10.00 -1.29 15.59
CA ASN A 102 10.63 -0.13 16.19
C ASN A 102 10.12 0.10 17.59
N GLU A 103 10.95 0.70 18.44
CA GLU A 103 10.60 0.90 19.84
C GLU A 103 9.36 1.78 20.02
N ARG A 104 9.05 2.66 19.06
CA ARG A 104 7.81 3.45 19.16
C ARG A 104 6.55 2.58 19.35
N TYR A 105 6.48 1.45 18.65
CA TYR A 105 5.25 0.63 18.62
C TYR A 105 5.41 -0.87 18.86
N ILE A 106 6.60 -1.34 19.21
CA ILE A 106 6.82 -2.79 19.45
C ILE A 106 5.85 -3.37 20.50
N GLN A 107 5.56 -2.58 21.53
CA GLN A 107 4.60 -2.95 22.60
C GLN A 107 3.20 -3.33 22.09
N TYR A 108 2.81 -2.81 20.92
CA TYR A 108 1.51 -3.10 20.34
C TYR A 108 1.49 -4.37 19.51
N TYR A 109 2.63 -5.01 19.27
CA TYR A 109 2.69 -6.18 18.37
C TYR A 109 2.97 -7.45 19.13
N PRO A 110 2.54 -8.62 18.58
CA PRO A 110 2.89 -9.88 19.24
C PRO A 110 4.40 -10.12 19.27
N LYS A 111 4.83 -10.86 20.28
CA LYS A 111 6.22 -11.28 20.36
C LYS A 111 6.55 -12.13 19.10
N GLY A 112 7.73 -11.90 18.53
CA GLY A 112 8.16 -12.60 17.34
C GLY A 112 7.71 -11.98 16.04
N THR A 113 7.17 -10.78 16.10
CA THR A 113 6.85 -10.03 14.90
C THR A 113 8.15 -9.56 14.24
N LYS A 114 8.24 -9.69 12.93
CA LYS A 114 9.41 -9.24 12.18
C LYS A 114 8.98 -8.48 10.95
N LEU A 115 9.70 -7.38 10.66
CA LEU A 115 9.50 -6.53 9.49
C LEU A 115 10.80 -6.33 8.70
N MET A 116 10.65 -6.12 7.38
CA MET A 116 11.78 -5.86 6.52
C MET A 116 12.38 -4.49 6.79
N HIS A 117 13.67 -4.46 7.05
CA HIS A 117 14.36 -3.25 7.48
C HIS A 117 14.14 -2.07 6.56
N GLY A 118 14.29 -2.28 5.26
CA GLY A 118 14.15 -1.24 4.25
C GLY A 118 12.84 -0.48 4.28
N PHE A 119 11.74 -1.21 4.41
CA PHE A 119 10.42 -0.57 4.50
C PHE A 119 10.20 0.08 5.86
N GLN A 120 10.63 -0.56 6.95
CA GLN A 120 10.41 0.01 8.26
C GLN A 120 11.22 1.30 8.48
N GLN A 121 12.49 1.24 8.15
CA GLN A 121 13.36 2.41 8.12
C GLN A 121 12.69 3.56 7.40
N ALA A 122 12.24 3.30 6.17
CA ALA A 122 11.71 4.35 5.32
C ALA A 122 10.39 4.91 5.86
N TYR A 123 9.57 4.05 6.47
CA TYR A 123 8.36 4.53 7.16
C TYR A 123 8.75 5.35 8.40
N ASN A 124 9.70 4.85 9.18
CA ASN A 124 10.11 5.53 10.41
C ASN A 124 10.63 6.95 10.18
N ASP A 125 11.23 7.21 9.01
CA ASP A 125 11.71 8.55 8.68
C ASP A 125 10.55 9.52 8.41
N LEU A 126 9.36 8.99 8.11
CA LEU A 126 8.17 9.80 7.83
C LEU A 126 7.10 9.80 8.95
N MET A 127 7.18 8.87 9.89
CA MET A 127 6.04 8.57 10.75
C MET A 127 5.62 9.66 11.73
N ASP A 128 6.58 10.43 12.24
CA ASP A 128 6.23 11.58 13.08
C ASP A 128 5.48 12.67 12.33
N ASP A 129 5.93 12.97 11.12
CA ASP A 129 5.28 13.98 10.29
C ASP A 129 3.91 13.53 9.77
N ILE A 130 3.79 12.25 9.41
CA ILE A 130 2.48 11.68 9.01
C ILE A 130 1.47 11.84 10.15
N PHE A 131 1.85 11.40 11.35
CA PHE A 131 0.96 11.50 12.52
C PHE A 131 0.51 12.93 12.80
N THR A 132 1.46 13.87 12.73
CA THR A 132 1.19 15.27 13.02
C THR A 132 0.22 15.89 12.00
N ALA A 133 0.47 15.65 10.72
CA ALA A 133 -0.37 16.16 9.66
C ALA A 133 -1.74 15.49 9.66
N VAL A 134 -1.80 14.18 9.86
CA VAL A 134 -3.11 13.50 9.96
C VAL A 134 -3.92 14.11 11.10
N LYS A 135 -3.32 14.21 12.29
CA LYS A 135 -4.02 14.79 13.45
C LYS A 135 -4.53 16.20 13.20
N LYS A 136 -3.75 16.98 12.47
CA LYS A 136 -4.08 18.38 12.20
C LYS A 136 -5.28 18.49 11.26
N TYR A 137 -5.22 17.76 10.16
CA TYR A 137 -6.25 17.85 9.12
C TYR A 137 -7.56 17.09 9.50
N LYS A 138 -7.48 16.07 10.38
CA LYS A 138 -8.68 15.54 11.04
C LYS A 138 -9.40 16.60 11.88
N LYS A 139 -8.65 17.30 12.72
CA LYS A 139 -9.21 18.42 13.52
C LYS A 139 -9.82 19.54 12.66
N GLU A 140 -9.09 19.92 11.61
CA GLU A 140 -9.45 21.03 10.73
C GLU A 140 -10.73 20.75 9.95
N LYS A 141 -10.87 19.51 9.50
CA LYS A 141 -11.98 19.06 8.66
C LYS A 141 -13.08 18.27 9.41
N ASN A 142 -13.02 18.27 10.74
CA ASN A 142 -13.87 17.44 11.61
C ASN A 142 -14.12 16.02 11.03
N GLU A 143 -13.04 15.34 10.72
CA GLU A 143 -13.07 14.08 10.00
C GLU A 143 -12.47 12.98 10.88
N LYS A 144 -13.22 11.89 11.07
CA LYS A 144 -12.81 10.80 11.93
C LYS A 144 -12.17 9.66 11.16
N ARG A 145 -12.39 9.60 9.85
CA ARG A 145 -11.89 8.50 9.02
C ARG A 145 -10.49 8.77 8.46
N VAL A 146 -9.64 7.76 8.54
CA VAL A 146 -8.28 7.84 8.01
C VAL A 146 -8.05 6.69 7.03
N THR A 147 -7.74 7.02 5.79
CA THR A 147 -7.47 6.02 4.76
C THR A 147 -5.98 6.08 4.40
N VAL A 148 -5.31 4.93 4.36
CA VAL A 148 -3.88 4.88 3.98
C VAL A 148 -3.78 4.20 2.63
N ILE A 149 -2.97 4.78 1.75
CA ILE A 149 -2.82 4.32 0.38
C ILE A 149 -1.34 4.28 0.02
N GLY A 150 -0.92 3.22 -0.68
CA GLY A 150 0.44 3.14 -1.16
C GLY A 150 0.57 2.32 -2.43
N HIS A 151 1.69 2.51 -3.11
CA HIS A 151 2.02 1.76 -4.31
C HIS A 151 3.47 1.37 -4.22
N SER A 152 3.77 0.15 -4.64
CA SER A 152 5.15 -0.31 -4.74
C SER A 152 5.84 -0.28 -3.36
N LEU A 153 7.04 0.31 -3.25
CA LEU A 153 7.72 0.45 -1.94
C LEU A 153 6.80 1.10 -0.91
N GLY A 154 6.04 2.10 -1.36
CA GLY A 154 5.10 2.84 -0.52
C GLY A 154 3.84 2.08 -0.11
N ALA A 155 3.55 0.97 -0.81
CA ALA A 155 2.49 0.06 -0.41
C ALA A 155 2.88 -0.73 0.85
N ALA A 156 4.12 -1.23 0.90
CA ALA A 156 4.64 -1.92 2.09
C ALA A 156 4.75 -0.94 3.27
N MET A 157 5.26 0.26 3.01
CA MET A 157 5.33 1.31 4.03
C MET A 157 3.93 1.69 4.50
N GLY A 158 3.01 1.75 3.55
CA GLY A 158 1.62 2.06 3.81
C GLY A 158 0.86 1.03 4.63
N LEU A 159 1.18 -0.25 4.45
CA LEU A 159 0.66 -1.31 5.29
C LEU A 159 1.11 -1.13 6.75
N LEU A 160 2.40 -0.82 6.94
CA LEU A 160 2.97 -0.52 8.25
C LEU A 160 2.32 0.73 8.84
N CYS A 161 2.17 1.77 8.01
CA CYS A 161 1.46 2.97 8.45
C CYS A 161 0.02 2.71 8.86
N ALA A 162 -0.69 1.98 8.01
CA ALA A 162 -2.07 1.57 8.28
C ALA A 162 -2.21 0.87 9.62
N MET A 163 -1.28 -0.05 9.89
CA MET A 163 -1.27 -0.77 11.14
C MET A 163 -1.02 0.17 12.31
N ASP A 164 -0.01 1.02 12.15
CA ASP A 164 0.41 1.96 13.19
C ASP A 164 -0.70 2.93 13.53
N ILE A 165 -1.41 3.40 12.50
CA ILE A 165 -2.59 4.23 12.71
C ILE A 165 -3.68 3.49 13.51
N GLU A 166 -3.97 2.24 13.11
CA GLU A 166 -4.94 1.43 13.83
C GLU A 166 -4.53 1.20 15.30
N LEU A 167 -3.24 0.96 15.56
CA LEU A 167 -2.76 0.65 16.94
C LEU A 167 -2.56 1.86 17.86
N ARG A 168 -2.07 2.97 17.31
CA ARG A 168 -1.55 4.11 18.11
C ARG A 168 -2.31 5.41 17.96
N MET A 169 -3.09 5.57 16.89
CA MET A 169 -3.86 6.82 16.75
C MET A 169 -5.31 6.67 17.25
N ASP A 170 -5.80 7.73 17.89
CA ASP A 170 -7.19 7.88 18.32
C ASP A 170 -8.10 7.81 17.08
N GLY A 171 -9.07 6.89 17.12
CA GLY A 171 -10.00 6.67 16.01
C GLY A 171 -9.61 5.53 15.10
N GLY A 172 -8.33 5.17 15.10
CA GLY A 172 -7.87 4.06 14.34
C GLY A 172 -7.96 4.36 12.86
N LEU A 173 -8.04 3.29 12.09
CA LEU A 173 -8.05 3.31 10.64
C LEU A 173 -9.47 3.07 10.07
N TYR A 174 -9.73 3.68 8.91
CA TYR A 174 -10.95 3.44 8.15
C TYR A 174 -10.70 2.32 7.13
N LYS A 175 -9.88 2.58 6.13
CA LYS A 175 -9.52 1.62 5.08
C LYS A 175 -8.06 1.84 4.67
N THR A 176 -7.49 0.81 4.07
CA THR A 176 -6.25 0.92 3.38
C THR A 176 -6.34 0.24 2.02
N TYR A 177 -5.85 0.95 0.99
CA TYR A 177 -5.77 0.47 -0.38
C TYR A 177 -4.31 0.46 -0.80
N LEU A 178 -3.82 -0.72 -1.18
CA LEU A 178 -2.42 -0.95 -1.47
C LEU A 178 -2.30 -1.56 -2.86
N PHE A 179 -1.37 -1.04 -3.64
CA PHE A 179 -1.22 -1.42 -5.05
C PHE A 179 0.17 -1.97 -5.29
N GLY A 180 0.25 -3.17 -5.85
CA GLY A 180 1.52 -3.82 -6.12
C GLY A 180 2.30 -3.93 -4.82
N LEU A 181 1.67 -4.54 -3.82
CA LEU A 181 2.18 -4.60 -2.47
C LEU A 181 3.30 -5.63 -2.38
N PRO A 182 4.53 -5.19 -2.06
CA PRO A 182 5.56 -6.17 -1.70
C PRO A 182 5.25 -6.82 -0.33
N ARG A 183 5.81 -8.00 -0.09
CA ARG A 183 5.75 -8.59 1.26
C ARG A 183 6.47 -7.69 2.25
N LEU A 184 6.05 -7.73 3.51
CA LEU A 184 6.57 -6.81 4.52
C LEU A 184 7.05 -7.47 5.79
N GLY A 185 6.26 -8.40 6.30
CA GLY A 185 6.54 -9.06 7.56
C GLY A 185 6.50 -10.55 7.47
N ASN A 186 6.73 -11.16 8.62
CA ASN A 186 6.76 -12.61 8.76
C ASN A 186 5.33 -13.12 8.97
N PRO A 187 5.15 -14.44 9.06
CA PRO A 187 3.81 -15.00 9.30
C PRO A 187 3.08 -14.41 10.52
N THR A 188 3.83 -14.13 11.59
CA THR A 188 3.25 -13.47 12.77
C THR A 188 2.69 -12.08 12.47
N PHE A 189 3.43 -11.28 11.74
CA PHE A 189 2.95 -9.98 11.33
C PHE A 189 1.70 -10.09 10.46
N ALA A 190 1.75 -10.97 9.46
CA ALA A 190 0.69 -11.05 8.48
C ALA A 190 -0.61 -11.53 9.14
N SER A 191 -0.52 -12.49 10.06
CA SER A 191 -1.71 -12.90 10.85
C SER A 191 -2.23 -11.81 11.78
N PHE A 192 -1.31 -11.03 12.36
CA PHE A 192 -1.70 -9.82 13.14
C PHE A 192 -2.36 -8.73 12.26
N VAL A 193 -1.96 -8.57 11.00
CA VAL A 193 -2.69 -7.68 10.04
C VAL A 193 -4.14 -8.16 9.85
N ASP A 194 -4.30 -9.43 9.49
CA ASP A 194 -5.66 -10.03 9.34
C ASP A 194 -6.51 -9.72 10.55
N GLN A 195 -5.95 -9.96 11.71
CA GLN A 195 -6.70 -9.86 12.94
C GLN A 195 -7.04 -8.40 13.32
N LYS A 196 -6.14 -7.45 13.08
CA LYS A 196 -6.43 -6.05 13.43
C LYS A 196 -7.12 -5.24 12.32
N ILE A 197 -6.72 -5.38 11.06
CA ILE A 197 -7.29 -4.58 9.97
C ILE A 197 -7.78 -5.39 8.77
N GLY A 198 -7.99 -6.70 8.95
CA GLY A 198 -8.43 -7.58 7.85
C GLY A 198 -9.66 -7.08 7.10
N ASP A 199 -10.63 -6.59 7.84
CA ASP A 199 -11.86 -6.03 7.24
C ASP A 199 -11.66 -4.61 6.68
N LYS A 200 -10.47 -4.04 6.81
CA LYS A 200 -10.14 -2.72 6.22
C LYS A 200 -9.07 -2.79 5.14
N PHE A 201 -8.61 -4.02 4.87
CA PHE A 201 -7.41 -4.28 4.08
C PHE A 201 -7.81 -4.55 2.61
N HIS A 202 -7.22 -3.81 1.69
CA HIS A 202 -7.47 -4.02 0.24
C HIS A 202 -6.14 -4.02 -0.50
N SER A 203 -5.65 -5.19 -0.87
CA SER A 203 -4.47 -5.32 -1.70
C SER A 203 -4.89 -5.62 -3.16
N ILE A 204 -4.39 -4.82 -4.09
CA ILE A 204 -4.79 -4.89 -5.50
C ILE A 204 -3.55 -5.19 -6.33
N ILE A 205 -3.61 -6.24 -7.13
CA ILE A 205 -2.48 -6.62 -7.97
C ILE A 205 -2.91 -6.59 -9.43
N ASN A 206 -2.06 -6.04 -10.30
CA ASN A 206 -2.37 -5.91 -11.72
C ASN A 206 -1.50 -6.80 -12.60
N GLY A 207 -2.15 -7.76 -13.27
CA GLY A 207 -1.56 -8.53 -14.37
C GLY A 207 -0.38 -9.40 -13.98
N ARG A 208 0.72 -9.22 -14.71
CA ARG A 208 1.96 -9.98 -14.50
C ARG A 208 2.95 -9.36 -13.48
N ASP A 209 2.56 -8.27 -12.82
CA ASP A 209 3.38 -7.62 -11.79
C ASP A 209 4.17 -8.59 -10.88
N TRP A 210 5.48 -8.37 -10.81
CA TRP A 210 6.43 -9.23 -10.08
C TRP A 210 6.59 -8.78 -8.64
N VAL A 211 6.22 -7.56 -8.32
CA VAL A 211 6.60 -6.94 -7.04
C VAL A 211 5.97 -7.62 -5.82
N PRO A 212 4.72 -8.13 -5.94
CA PRO A 212 4.17 -8.92 -4.86
C PRO A 212 4.86 -10.22 -4.56
N THR A 213 5.79 -10.67 -5.40
CA THR A 213 6.57 -11.87 -5.11
C THR A 213 7.86 -11.59 -4.33
N VAL A 214 8.16 -10.33 -4.00
CA VAL A 214 9.38 -10.01 -3.27
C VAL A 214 9.08 -9.20 -2.01
N PRO A 215 9.89 -9.35 -0.96
CA PRO A 215 10.92 -10.39 -0.83
C PRO A 215 10.30 -11.79 -0.76
N PRO A 216 11.06 -12.83 -1.12
CA PRO A 216 10.48 -14.17 -1.22
C PRO A 216 10.16 -14.82 0.12
N ARG A 217 9.25 -15.78 0.05
CA ARG A 217 8.77 -16.48 1.21
C ARG A 217 9.85 -17.33 1.87
N ALA A 218 10.85 -17.75 1.10
CA ALA A 218 11.99 -18.48 1.65
C ALA A 218 12.85 -17.62 2.60
N LEU A 219 12.72 -16.30 2.57
CA LEU A 219 13.35 -15.47 3.60
C LEU A 219 12.46 -15.19 4.81
N GLY A 220 11.32 -15.88 4.94
CA GLY A 220 10.46 -15.73 6.10
C GLY A 220 9.36 -14.70 5.97
N TYR A 221 9.02 -14.30 4.74
CA TYR A 221 8.03 -13.26 4.53
C TYR A 221 6.67 -13.84 4.11
N GLN A 222 5.60 -13.18 4.55
CA GLN A 222 4.24 -13.66 4.33
C GLN A 222 3.29 -12.47 4.12
N HIS A 223 2.47 -12.52 3.08
CA HIS A 223 1.43 -11.51 2.87
C HIS A 223 0.27 -11.73 3.87
N PRO A 224 -0.48 -10.66 4.20
CA PRO A 224 -1.76 -10.84 4.86
C PRO A 224 -2.78 -11.54 3.95
N SER A 225 -3.98 -11.82 4.50
CA SER A 225 -5.06 -12.50 3.75
C SER A 225 -5.67 -11.60 2.70
N ASP A 226 -6.00 -12.21 1.56
CA ASP A 226 -6.82 -11.62 0.47
C ASP A 226 -6.08 -10.63 -0.40
N TYR A 227 -6.19 -10.80 -1.70
CA TYR A 227 -5.94 -9.72 -2.63
C TYR A 227 -6.91 -9.83 -3.77
N VAL A 228 -7.15 -8.71 -4.44
CA VAL A 228 -7.85 -8.71 -5.72
C VAL A 228 -6.81 -8.61 -6.85
N TRP A 229 -6.89 -9.53 -7.82
CA TRP A 229 -5.94 -9.63 -8.93
C TRP A 229 -6.64 -9.34 -10.23
N ILE A 230 -6.15 -8.34 -10.94
CA ILE A 230 -6.73 -7.89 -12.21
C ILE A 230 -6.04 -8.67 -13.30
N TYR A 231 -6.74 -9.62 -13.92
CA TYR A 231 -6.20 -10.38 -15.06
C TYR A 231 -7.27 -10.59 -16.14
N PRO A 232 -6.97 -10.25 -17.41
CA PRO A 232 -5.66 -9.73 -17.86
C PRO A 232 -5.30 -8.37 -17.31
N GLY A 233 -4.01 -8.05 -17.31
CA GLY A 233 -3.51 -6.75 -16.85
C GLY A 233 -4.29 -5.60 -17.49
N ASN A 234 -4.63 -4.60 -16.68
CA ASN A 234 -5.33 -3.37 -17.12
C ASN A 234 -6.80 -3.48 -17.46
N SER A 235 -7.38 -4.68 -17.48
CA SER A 235 -8.80 -4.86 -17.78
C SER A 235 -9.64 -4.63 -16.51
N THR A 236 -10.97 -4.77 -16.61
CA THR A 236 -11.83 -4.74 -15.42
C THR A 236 -12.19 -6.13 -14.91
N SER A 237 -11.63 -7.17 -15.52
CA SER A 237 -11.82 -8.54 -15.06
C SER A 237 -10.91 -8.78 -13.86
N ALA A 238 -11.49 -9.09 -12.71
CA ALA A 238 -10.75 -9.33 -11.48
C ALA A 238 -11.51 -10.22 -10.51
N LYS A 239 -10.76 -11.06 -9.79
CA LYS A 239 -11.33 -11.89 -8.73
C LYS A 239 -10.59 -11.65 -7.44
N LEU A 240 -11.20 -12.08 -6.33
CA LEU A 240 -10.58 -12.07 -5.02
C LEU A 240 -10.01 -13.45 -4.72
N TYR A 241 -8.79 -13.49 -4.15
CA TYR A 241 -8.08 -14.73 -3.85
C TYR A 241 -7.87 -14.74 -2.34
N PRO A 242 -8.72 -15.47 -1.59
CA PRO A 242 -8.81 -15.30 -0.14
C PRO A 242 -7.79 -16.07 0.69
N GLY A 243 -7.62 -15.66 1.95
CA GLY A 243 -6.59 -16.20 2.79
C GLY A 243 -5.19 -15.71 2.36
N GLN A 244 -4.17 -16.18 3.07
CA GLN A 244 -2.81 -15.78 2.84
C GLN A 244 -2.21 -16.62 1.74
N GLU A 245 -1.58 -15.96 0.76
CA GLU A 245 -0.69 -16.62 -0.19
C GLU A 245 -1.44 -17.72 -0.94
N ASN A 246 -2.53 -17.32 -1.58
CA ASN A 246 -3.43 -18.26 -2.24
C ASN A 246 -2.74 -18.98 -3.41
N VAL A 247 -2.78 -20.31 -3.39
CA VAL A 247 -2.08 -21.11 -4.40
C VAL A 247 -2.66 -21.01 -5.81
N HIS A 248 -3.90 -20.50 -5.92
CA HIS A 248 -4.58 -20.31 -7.20
C HIS A 248 -4.37 -18.93 -7.76
N GLY A 249 -3.66 -18.08 -7.03
CA GLY A 249 -3.43 -16.71 -7.46
C GLY A 249 -2.33 -16.53 -8.48
N ILE A 250 -1.49 -15.51 -8.23
CA ILE A 250 -0.65 -14.91 -9.27
C ILE A 250 0.43 -15.80 -9.84
N LEU A 251 0.97 -16.73 -9.05
CA LEU A 251 2.01 -17.64 -9.57
C LEU A 251 1.51 -18.69 -10.58
N THR A 252 0.18 -18.81 -10.73
CA THR A 252 -0.42 -19.62 -11.80
C THR A 252 -0.21 -18.98 -13.18
N VAL A 253 0.17 -17.70 -13.23
CA VAL A 253 0.51 -17.01 -14.47
C VAL A 253 1.89 -16.37 -14.33
N ALA A 254 2.72 -16.53 -15.36
CA ALA A 254 4.14 -16.20 -15.28
C ALA A 254 4.33 -14.72 -15.06
N ARG A 255 5.15 -14.38 -14.06
CA ARG A 255 5.50 -12.99 -13.79
C ARG A 255 6.34 -12.44 -14.96
N GLU A 256 6.16 -11.15 -15.24
CA GLU A 256 6.97 -10.44 -16.22
C GLU A 256 8.00 -9.71 -15.38
N PHE A 257 9.21 -9.54 -15.89
CA PHE A 257 10.25 -8.94 -15.07
C PHE A 257 10.57 -7.55 -15.56
N ASN A 258 9.53 -6.73 -15.66
CA ASN A 258 9.64 -5.28 -15.87
C ASN A 258 8.51 -4.64 -15.09
N ASN A 259 8.42 -3.31 -15.10
CA ASN A 259 7.42 -2.60 -14.32
C ASN A 259 6.17 -2.18 -15.11
N ASP A 260 5.89 -2.83 -16.24
CA ASP A 260 4.79 -2.40 -17.13
C ASP A 260 3.44 -2.49 -16.43
N ASP A 261 3.02 -3.71 -16.07
CA ASP A 261 1.75 -3.93 -15.39
C ASP A 261 1.74 -3.34 -13.97
N HIS A 262 2.88 -3.37 -13.29
CA HIS A 262 3.04 -2.72 -12.00
C HIS A 262 2.66 -1.24 -12.06
N GLN A 263 3.05 -0.61 -13.17
CA GLN A 263 2.76 0.81 -13.42
C GLN A 263 1.60 0.92 -14.44
N GLY A 264 0.56 0.12 -14.21
CA GLY A 264 -0.53 -0.09 -15.15
C GLY A 264 -1.84 0.61 -14.79
N ILE A 265 -2.94 0.10 -15.35
CA ILE A 265 -4.27 0.69 -15.16
C ILE A 265 -5.04 -0.10 -14.12
N TYR A 266 -5.47 0.57 -13.06
CA TYR A 266 -6.20 -0.08 -11.97
C TYR A 266 -7.58 0.52 -11.90
N PHE A 267 -8.56 -0.18 -12.47
CA PHE A 267 -9.95 0.25 -12.47
C PHE A 267 -10.12 1.65 -13.10
N HIS A 268 -9.62 1.75 -14.33
CA HIS A 268 -9.67 2.97 -15.15
C HIS A 268 -8.75 4.13 -14.69
N THR A 269 -7.83 3.88 -13.76
CA THR A 269 -6.84 4.89 -13.36
C THR A 269 -5.41 4.36 -13.44
N GLN A 270 -4.56 5.12 -14.15
CA GLN A 270 -3.14 4.79 -14.29
C GLN A 270 -2.29 5.20 -13.07
N ILE A 271 -1.46 4.27 -12.61
CA ILE A 271 -0.39 4.57 -11.66
C ILE A 271 0.91 4.35 -12.42
N GLY A 272 1.18 5.29 -13.32
CA GLY A 272 2.34 5.21 -14.18
C GLY A 272 3.64 5.58 -13.51
N ALA A 273 3.59 6.06 -12.26
CA ALA A 273 4.78 6.37 -11.46
C ALA A 273 5.45 7.66 -11.97
N VAL A 274 6.79 7.72 -11.95
CA VAL A 274 7.50 8.95 -12.24
C VAL A 274 7.19 9.40 -13.68
N MET A 275 7.08 8.45 -14.59
CA MET A 275 6.84 8.76 -16.02
C MET A 275 5.38 8.53 -16.46
N GLY A 276 4.45 8.53 -15.50
CA GLY A 276 3.02 8.51 -15.78
C GLY A 276 2.41 9.91 -15.90
N GLU A 277 1.14 10.05 -15.50
CA GLU A 277 0.38 11.30 -15.61
C GLU A 277 0.53 12.19 -14.37
N CYS A 278 0.87 13.45 -14.57
CA CYS A 278 0.96 14.46 -13.52
C CYS A 278 0.26 15.71 -14.02
N PRO A 279 -0.82 16.18 -13.40
CA PRO A 279 -1.43 15.57 -12.20
C PRO A 279 -2.10 14.23 -12.49
N ALA A 280 -2.37 13.46 -11.44
CA ALA A 280 -3.08 12.18 -11.63
C ALA A 280 -4.50 12.45 -12.17
N GLN A 281 -4.97 11.55 -13.04
CA GLN A 281 -6.31 11.63 -13.62
C GLN A 281 -7.18 10.41 -13.27
N VAL A 282 -8.11 10.62 -12.33
CA VAL A 282 -8.97 9.53 -11.87
C VAL A 282 -9.95 9.16 -12.98
N GLY A 283 -9.99 7.88 -13.32
CA GLY A 283 -10.95 7.38 -14.30
C GLY A 283 -10.71 7.74 -15.76
N ALA A 284 -9.50 8.16 -16.10
CA ALA A 284 -9.15 8.56 -17.48
C ALA A 284 -9.05 7.39 -18.47
N HIS A 285 -8.73 6.19 -17.99
CA HIS A 285 -8.45 5.03 -18.83
C HIS A 285 -9.45 3.89 -18.53
C1 NAG B . -0.96 -2.06 -19.06
C2 NAG B . -0.19 -2.70 -20.21
C3 NAG B . 1.29 -2.34 -20.06
C4 NAG B . 1.49 -0.83 -20.01
C5 NAG B . 0.60 -0.22 -18.91
C6 NAG B . 0.60 1.30 -18.99
C7 NAG B . -1.20 -4.88 -20.94
C8 NAG B . -1.23 -6.35 -20.68
N2 NAG B . -0.38 -4.16 -20.15
O3 NAG B . 2.11 -2.86 -21.11
O4 NAG B . 2.87 -0.56 -19.71
O5 NAG B . -0.76 -0.65 -18.98
O6 NAG B . 0.11 1.85 -17.76
O7 NAG B . -1.90 -4.41 -21.82
C1 NAG B . 3.68 -0.08 -20.81
C2 NAG B . 4.79 0.79 -20.21
C3 NAG B . 5.69 1.34 -21.32
C4 NAG B . 6.25 0.19 -22.11
C5 NAG B . 5.13 -0.69 -22.65
C6 NAG B . 5.76 -1.84 -23.45
C7 NAG B . 4.54 2.12 -18.14
C8 NAG B . 3.87 3.33 -17.55
N2 NAG B . 4.26 1.91 -19.43
O3 NAG B . 6.76 2.08 -20.72
O4 NAG B . 7.00 0.72 -23.21
O5 NAG B . 4.29 -1.13 -21.57
O6 NAG B . 5.32 -3.11 -22.95
O7 NAG B . 5.28 1.40 -17.46
C1 BMA B . 8.43 0.51 -23.11
C2 BMA B . 8.96 -0.04 -24.44
C3 BMA B . 10.42 0.32 -24.79
C4 BMA B . 10.92 1.59 -24.06
C5 BMA B . 10.45 1.63 -22.61
C6 BMA B . 10.92 2.76 -21.66
O2 BMA B . 8.08 0.41 -25.47
O3 BMA B . 10.58 0.43 -26.23
O4 BMA B . 12.35 1.66 -24.12
O5 BMA B . 9.03 1.74 -22.72
O6 BMA B . 12.21 3.34 -21.95
C1 MAN B . 12.05 4.54 -22.76
C2 MAN B . 13.35 5.05 -23.40
C3 MAN B . 13.00 6.02 -24.52
C4 MAN B . 11.56 6.56 -24.41
C5 MAN B . 11.14 6.78 -22.94
C6 MAN B . 9.65 7.08 -22.78
O2 MAN B . 14.16 3.99 -23.92
O3 MAN B . 13.17 5.40 -25.80
O4 MAN B . 11.46 7.76 -25.20
O5 MAN B . 11.42 5.64 -22.07
O6 MAN B . 9.23 8.02 -23.78
C1 MAN C . -7.81 -26.30 -0.46
C2 MAN C . -8.98 -25.96 0.48
C3 MAN C . -8.63 -26.28 1.93
C4 MAN C . -8.02 -27.67 2.10
C5 MAN C . -7.08 -28.12 0.97
C6 MAN C . -7.04 -29.63 0.95
O2 MAN C . -10.14 -26.69 0.07
O3 MAN C . -9.81 -26.17 2.73
O4 MAN C . -7.25 -27.69 3.29
O5 MAN C . -7.48 -27.68 -0.34
O6 MAN C . -5.92 -30.02 0.17
C1 GOL D . 9.42 0.03 -8.48
O1 GOL D . 9.77 1.27 -7.85
C2 GOL D . 10.49 -1.09 -8.41
O2 GOL D . 11.33 -1.00 -9.56
C3 GOL D . 11.33 -1.05 -7.14
O3 GOL D . 12.52 -1.86 -7.26
#